data_1BYC
#
_entry.id   1BYC
#
_cell.length_a   86.200
_cell.length_b   86.200
_cell.length_c   144.200
_cell.angle_alpha   90.00
_cell.angle_beta   90.00
_cell.angle_gamma   120.00
#
_symmetry.space_group_name_H-M   'P 31 2 1'
#
loop_
_entity.id
_entity.type
_entity.pdbx_description
1 polymer BETA-AMYLASE
2 branched alpha-D-glucopyranose-(1-4)-alpha-D-glucopyranose-(1-4)-alpha-D-glucopyranose-(1-4)-beta-D-glucopyranose
3 non-polymer 'SULFATE ION'
4 water water
#
_entity_poly.entity_id   1
_entity_poly.type   'polypeptide(L)'
_entity_poly.pdbx_seq_one_letter_code
;ATSDSNMLLNYVPVYVMLPLGVVNVDNVFEDPDGLKEQLLQLRAAGVDGVMVDVWWGIIELKGPKQYDWRAYRSLFQLVQ
ECGLTLQAIMSFHQCGGNVGDIVNIPIPQWVLDIGESNHDIFYTNRSGTRNKEYLTVGVDNEPIFHGRTAIEIYSDYMKS
FRENMSDFLESGLIIDIEVGLGPAGELRYPSYPQSQGWEFPRIGEFQCYDKYLKADFKAAVARAGHPEWELPDDAGKYND
VPESTGFFKSNGTYVTEKGKFFLTWYSNKLLNHGDQILDEANKAFLGCKVKLAIKVSGIHWWYKVENHAAELTAGYYNLN
DRDGYRPIARMLSRHHAILNFTCLEMRDSEQPSDAKSGPQELVQQVLSGGWREDIRVAGENALPRYDATAYNQIILNAKP
QGVNNNGPPKLSMFGVTYLRLSDDLLQKSNFNIFKKFVLKMHADQDYCANPQKYNHAITPLKPSAPKIPIEVLLEATKPT
LPFPWLPETDMKVDG
;
_entity_poly.pdbx_strand_id   A
#
# COMPACT_ATOMS: atom_id res chain seq x y z
N SER A 5 27.70 14.22 13.89
CA SER A 5 26.24 14.49 13.88
C SER A 5 25.48 13.79 15.07
N ASN A 6 24.35 14.45 15.53
CA ASN A 6 23.41 13.96 16.58
C ASN A 6 22.51 12.72 16.41
N MET A 7 22.26 12.14 17.58
CA MET A 7 21.46 10.97 17.70
C MET A 7 20.09 11.15 17.12
N LEU A 8 19.61 12.43 17.16
CA LEU A 8 18.31 12.78 16.66
C LEU A 8 18.23 12.44 15.22
N LEU A 9 19.37 12.36 14.56
CA LEU A 9 19.38 12.01 13.14
C LEU A 9 18.99 10.56 12.93
N ASN A 10 18.84 9.84 14.03
CA ASN A 10 18.47 8.44 14.03
C ASN A 10 16.95 8.22 14.22
N TYR A 11 16.25 9.31 14.42
CA TYR A 11 14.86 9.21 14.74
C TYR A 11 14.01 8.68 13.58
N VAL A 12 13.08 7.75 13.84
CA VAL A 12 12.14 7.32 12.81
C VAL A 12 10.79 7.60 13.33
N PRO A 13 9.98 8.38 12.62
CA PRO A 13 8.68 8.70 13.16
C PRO A 13 7.74 7.50 13.20
N VAL A 14 6.76 7.55 14.12
CA VAL A 14 5.72 6.56 14.30
C VAL A 14 4.32 7.20 14.18
N TYR A 15 3.48 6.60 13.34
CA TYR A 15 2.08 6.97 13.15
C TYR A 15 1.19 5.80 13.61
N VAL A 16 -0.07 6.10 13.94
CA VAL A 16 -1.04 5.15 14.37
C VAL A 16 -2.25 5.29 13.49
N MET A 17 -2.76 4.14 12.99
CA MET A 17 -3.91 4.22 12.15
C MET A 17 -5.08 4.43 13.03
N LEU A 18 -6.01 5.22 12.54
CA LEU A 18 -7.24 5.44 13.26
C LEU A 18 -8.18 4.25 12.99
N PRO A 19 -9.20 4.05 13.80
CA PRO A 19 -10.15 2.98 13.57
C PRO A 19 -10.90 3.12 12.28
N LEU A 20 -11.30 2.02 11.66
CA LEU A 20 -12.00 2.09 10.38
C LEU A 20 -13.35 2.71 10.60
N GLY A 21 -13.83 3.46 9.74
CA GLY A 21 -15.17 3.91 10.18
C GLY A 21 -15.31 5.02 11.27
N VAL A 22 -14.23 5.71 11.62
CA VAL A 22 -14.31 6.83 12.52
C VAL A 22 -15.24 7.92 11.93
N VAL A 23 -15.48 7.87 10.64
CA VAL A 23 -16.49 8.65 9.93
C VAL A 23 -17.40 7.61 9.28
N ASN A 24 -18.63 7.52 9.67
CA ASN A 24 -19.38 6.42 9.16
C ASN A 24 -19.91 6.61 7.77
N VAL A 25 -20.58 5.55 7.25
CA VAL A 25 -21.09 5.60 5.88
C VAL A 25 -22.01 6.72 5.66
N ASP A 26 -22.56 7.20 6.71
CA ASP A 26 -23.47 8.30 6.54
C ASP A 26 -22.76 9.64 6.47
N ASN A 27 -21.46 9.58 6.51
CA ASN A 27 -20.68 10.78 6.43
C ASN A 27 -20.91 11.56 7.69
N VAL A 28 -20.87 10.82 8.82
CA VAL A 28 -21.01 11.45 10.09
C VAL A 28 -19.85 11.12 10.98
N PHE A 29 -19.24 12.13 11.63
CA PHE A 29 -18.12 11.89 12.55
C PHE A 29 -18.75 11.51 13.88
N GLU A 30 -18.80 10.21 14.12
CA GLU A 30 -19.60 9.68 15.20
C GLU A 30 -19.17 10.00 16.59
N ASP A 31 -17.91 9.83 16.93
CA ASP A 31 -17.66 10.01 18.30
C ASP A 31 -16.43 10.80 18.56
N PRO A 32 -16.59 12.09 18.48
CA PRO A 32 -15.44 13.01 18.64
C PRO A 32 -14.84 12.98 20.02
N ASP A 33 -15.70 12.78 20.98
CA ASP A 33 -15.25 12.81 22.34
C ASP A 33 -14.47 11.63 22.66
N GLY A 34 -14.97 10.53 22.23
CA GLY A 34 -14.23 9.28 22.47
C GLY A 34 -12.81 9.28 21.83
N LEU A 35 -12.80 9.63 20.54
CA LEU A 35 -11.61 9.71 19.76
C LEU A 35 -10.67 10.60 20.42
N LYS A 36 -11.20 11.71 20.85
CA LYS A 36 -10.37 12.68 21.48
C LYS A 36 -9.59 12.17 22.67
N GLU A 37 -10.27 11.44 23.54
CA GLU A 37 -9.54 10.92 24.70
C GLU A 37 -8.43 9.99 24.23
N GLN A 38 -8.76 9.20 23.18
CA GLN A 38 -7.76 8.33 22.57
C GLN A 38 -6.55 9.12 21.99
N LEU A 39 -6.83 10.11 21.14
CA LEU A 39 -5.73 10.86 20.57
C LEU A 39 -4.81 11.46 21.62
N LEU A 40 -5.41 11.90 22.72
CA LEU A 40 -4.67 12.55 23.72
C LEU A 40 -3.75 11.57 24.38
N GLN A 41 -4.21 10.33 24.51
CA GLN A 41 -3.32 9.24 24.95
C GLN A 41 -2.07 9.05 24.04
N LEU A 42 -2.28 9.05 22.71
CA LEU A 42 -1.21 8.86 21.73
C LEU A 42 -0.18 9.98 21.79
N ARG A 43 -0.69 11.21 21.95
CA ARG A 43 0.18 12.44 22.05
C ARG A 43 1.11 12.35 23.26
N ALA A 44 0.60 11.83 24.40
CA ALA A 44 1.41 11.68 25.60
C ALA A 44 2.41 10.57 25.55
N ALA A 45 2.14 9.60 24.67
CA ALA A 45 3.03 8.47 24.39
C ALA A 45 4.19 8.85 23.51
N GLY A 46 4.08 10.00 22.87
CA GLY A 46 5.15 10.46 22.01
C GLY A 46 4.98 10.12 20.51
N VAL A 47 3.77 9.66 20.12
CA VAL A 47 3.39 9.33 18.73
C VAL A 47 3.43 10.57 17.84
N ASP A 48 3.97 10.45 16.63
CA ASP A 48 4.17 11.61 15.80
C ASP A 48 2.93 12.05 15.08
N GLY A 49 2.10 11.06 14.64
CA GLY A 49 0.93 11.39 13.84
C GLY A 49 0.00 10.17 13.71
N VAL A 50 -1.03 10.30 12.89
CA VAL A 50 -2.01 9.24 12.71
C VAL A 50 -2.33 9.15 11.23
N MET A 51 -2.90 8.01 10.86
CA MET A 51 -3.23 7.75 9.47
C MET A 51 -4.72 7.49 9.36
N VAL A 52 -5.33 7.96 8.29
CA VAL A 52 -6.78 7.79 8.16
C VAL A 52 -7.24 7.55 6.68
N ASP A 53 -8.23 6.66 6.49
CA ASP A 53 -8.85 6.47 5.20
C ASP A 53 -9.76 7.64 4.92
N VAL A 54 -9.64 8.22 3.71
CA VAL A 54 -10.58 9.21 3.25
C VAL A 54 -11.44 8.52 2.21
N TRP A 55 -12.53 7.85 2.65
CA TRP A 55 -13.29 7.00 1.79
C TRP A 55 -13.99 7.67 0.66
N TRP A 56 -13.65 7.25 -0.55
CA TRP A 56 -14.27 7.74 -1.75
C TRP A 56 -15.73 7.47 -1.69
N GLY A 57 -16.08 6.30 -1.20
CA GLY A 57 -17.49 5.87 -1.17
C GLY A 57 -18.39 6.60 -0.16
N ILE A 58 -17.78 7.23 0.82
CA ILE A 58 -18.54 8.13 1.70
C ILE A 58 -18.68 9.55 1.08
N ILE A 59 -17.53 10.13 0.59
CA ILE A 59 -17.44 11.53 0.09
C ILE A 59 -18.23 11.83 -1.18
N GLU A 60 -18.11 10.97 -2.19
CA GLU A 60 -18.77 11.24 -3.47
C GLU A 60 -19.96 10.30 -3.66
N LEU A 61 -20.62 10.05 -2.54
CA LEU A 61 -21.75 9.16 -2.50
C LEU A 61 -22.94 9.55 -3.36
N LYS A 62 -23.41 10.78 -3.20
CA LYS A 62 -24.63 11.24 -3.83
C LYS A 62 -24.68 11.15 -5.36
N GLY A 63 -23.57 11.48 -6.06
CA GLY A 63 -23.57 11.53 -7.52
C GLY A 63 -22.22 12.09 -7.92
N PRO A 64 -21.94 12.20 -9.20
CA PRO A 64 -20.63 12.65 -9.65
C PRO A 64 -20.36 14.05 -9.27
N LYS A 65 -19.20 14.26 -8.72
CA LYS A 65 -18.76 15.56 -8.25
C LYS A 65 -19.64 16.16 -7.18
N GLN A 66 -20.33 15.28 -6.43
CA GLN A 66 -21.08 15.72 -5.28
C GLN A 66 -20.32 15.40 -4.05
N TYR A 67 -19.28 16.18 -3.79
CA TYR A 67 -18.47 15.91 -2.63
C TYR A 67 -19.04 16.56 -1.37
N ASP A 68 -18.91 15.89 -0.21
CA ASP A 68 -19.21 16.46 1.05
C ASP A 68 -18.08 16.16 1.95
N TRP A 69 -17.26 17.20 2.20
CA TRP A 69 -16.04 17.08 2.97
C TRP A 69 -16.22 17.43 4.45
N ARG A 70 -17.45 17.77 4.82
CA ARG A 70 -17.66 18.30 6.15
C ARG A 70 -17.17 17.45 7.32
N ALA A 71 -17.61 16.16 7.41
CA ALA A 71 -17.25 15.36 8.57
C ALA A 71 -15.71 15.14 8.65
N TYR A 72 -15.06 15.02 7.49
CA TYR A 72 -13.59 14.86 7.52
C TYR A 72 -12.86 16.16 8.02
N ARG A 73 -13.47 17.32 7.67
CA ARG A 73 -12.96 18.64 8.15
C ARG A 73 -12.97 18.68 9.66
N SER A 74 -14.07 18.20 10.23
CA SER A 74 -14.14 18.12 11.71
C SER A 74 -13.07 17.22 12.31
N LEU A 75 -12.90 16.02 11.69
CA LEU A 75 -11.93 15.09 12.18
C LEU A 75 -10.54 15.68 12.13
N PHE A 76 -10.20 16.25 10.97
CA PHE A 76 -8.85 16.84 10.83
C PHE A 76 -8.63 17.99 11.85
N GLN A 77 -9.65 18.79 12.08
CA GLN A 77 -9.56 19.80 13.13
C GLN A 77 -9.20 19.22 14.51
N LEU A 78 -9.94 18.16 14.88
CA LEU A 78 -9.66 17.51 16.16
C LEU A 78 -8.26 16.96 16.22
N VAL A 79 -7.78 16.38 15.09
CA VAL A 79 -6.42 15.79 15.09
C VAL A 79 -5.39 16.90 15.36
N GLN A 80 -5.65 17.99 14.67
CA GLN A 80 -4.80 19.17 14.78
C GLN A 80 -4.79 19.74 16.22
N GLU A 81 -5.94 19.79 16.91
CA GLU A 81 -6.05 20.20 18.31
C GLU A 81 -5.25 19.31 19.23
N CYS A 82 -5.12 18.05 18.86
CA CYS A 82 -4.39 17.07 19.65
C CYS A 82 -2.87 17.05 19.43
N GLY A 83 -2.37 17.91 18.53
CA GLY A 83 -0.93 18.04 18.31
C GLY A 83 -0.34 16.89 17.53
N LEU A 84 -1.14 16.29 16.67
CA LEU A 84 -0.63 15.15 15.88
C LEU A 84 -0.58 15.52 14.39
N THR A 85 0.32 14.91 13.59
CA THR A 85 0.25 15.10 12.16
C THR A 85 -0.62 14.02 11.52
N LEU A 86 -0.77 14.10 10.24
CA LEU A 86 -1.71 13.25 9.63
C LEU A 86 -1.31 12.74 8.24
N GLN A 87 -1.54 11.45 8.02
CA GLN A 87 -1.30 10.80 6.74
C GLN A 87 -2.66 10.42 6.17
N ALA A 88 -2.99 11.00 5.02
CA ALA A 88 -4.34 10.84 4.45
C ALA A 88 -4.33 9.86 3.29
N ILE A 89 -5.21 8.86 3.34
CA ILE A 89 -5.25 7.91 2.23
C ILE A 89 -6.40 8.28 1.31
N MET A 90 -6.17 8.37 0.00
CA MET A 90 -7.23 8.57 -0.95
C MET A 90 -7.77 7.17 -1.14
N SER A 91 -8.72 6.77 -0.34
CA SER A 91 -9.17 5.37 -0.39
C SER A 91 -10.25 5.17 -1.45
N PHE A 92 -9.84 4.75 -2.65
CA PHE A 92 -10.81 4.54 -3.73
C PHE A 92 -11.30 3.11 -3.81
N HIS A 93 -11.35 2.41 -2.67
CA HIS A 93 -11.65 0.98 -2.65
C HIS A 93 -12.72 0.74 -1.64
N GLN A 94 -13.25 -0.47 -1.57
CA GLN A 94 -14.26 -0.69 -0.58
C GLN A 94 -13.68 -1.20 0.74
N CYS A 95 -14.34 -0.89 1.88
CA CYS A 95 -13.98 -1.47 3.17
C CYS A 95 -14.95 -2.59 3.45
N GLY A 96 -14.46 -3.77 3.85
CA GLY A 96 -15.41 -4.86 4.12
C GLY A 96 -14.94 -6.33 3.89
N GLY A 97 -14.36 -6.63 2.69
CA GLY A 97 -14.00 -8.05 2.43
C GLY A 97 -12.59 -8.50 2.77
N ASN A 98 -11.83 -7.66 3.46
CA ASN A 98 -10.46 -8.00 3.70
C ASN A 98 -10.20 -8.25 5.15
N VAL A 99 -9.08 -8.85 5.47
CA VAL A 99 -8.80 -9.19 6.84
C VAL A 99 -8.92 -7.96 7.72
N GLY A 100 -9.68 -8.05 8.79
CA GLY A 100 -9.78 -6.94 9.75
C GLY A 100 -10.87 -5.94 9.40
N ASP A 101 -11.44 -6.03 8.20
CA ASP A 101 -12.47 -5.07 7.85
C ASP A 101 -13.76 -5.20 8.68
N ILE A 102 -13.84 -4.49 9.86
CA ILE A 102 -15.07 -4.53 10.69
C ILE A 102 -16.23 -3.64 10.25
N VAL A 103 -16.07 -2.89 9.18
CA VAL A 103 -17.17 -2.10 8.71
C VAL A 103 -17.29 -2.20 7.20
N ASN A 104 -18.50 -2.09 6.64
CA ASN A 104 -18.63 -2.16 5.25
C ASN A 104 -18.70 -0.78 4.69
N ILE A 105 -17.77 -0.41 3.80
CA ILE A 105 -17.87 0.84 3.10
C ILE A 105 -17.66 0.61 1.62
N PRO A 106 -18.68 0.68 0.85
CA PRO A 106 -18.48 0.42 -0.55
C PRO A 106 -18.09 1.65 -1.33
N ILE A 107 -17.80 1.42 -2.62
CA ILE A 107 -17.53 2.51 -3.53
C ILE A 107 -18.86 3.20 -3.77
N PRO A 108 -18.87 4.34 -4.44
CA PRO A 108 -20.10 5.06 -4.62
C PRO A 108 -21.21 4.27 -5.26
N GLN A 109 -22.43 4.44 -4.72
CA GLN A 109 -23.57 3.80 -5.28
C GLN A 109 -23.72 4.09 -6.76
N TRP A 110 -23.46 5.31 -7.15
CA TRP A 110 -23.70 5.65 -8.55
C TRP A 110 -22.73 4.90 -9.51
N VAL A 111 -21.60 4.51 -8.99
CA VAL A 111 -20.66 3.74 -9.76
C VAL A 111 -21.13 2.31 -9.83
N LEU A 112 -21.53 1.80 -8.67
CA LEU A 112 -22.13 0.49 -8.52
C LEU A 112 -23.34 0.36 -9.48
N ASP A 113 -24.11 1.46 -9.63
CA ASP A 113 -25.23 1.44 -10.56
C ASP A 113 -24.76 1.16 -11.97
N ILE A 114 -23.72 1.86 -12.40
CA ILE A 114 -23.19 1.61 -13.70
C ILE A 114 -22.78 0.14 -13.92
N GLY A 115 -22.15 -0.40 -12.91
CA GLY A 115 -21.70 -1.78 -12.95
C GLY A 115 -22.85 -2.75 -12.97
N GLU A 116 -23.97 -2.31 -12.51
CA GLU A 116 -25.12 -3.15 -12.60
C GLU A 116 -25.37 -3.36 -14.06
N SER A 117 -24.90 -2.46 -14.84
CA SER A 117 -25.17 -2.74 -16.19
C SER A 117 -23.93 -2.95 -17.07
N ASN A 118 -22.75 -2.79 -16.51
CA ASN A 118 -21.54 -3.09 -17.22
C ASN A 118 -20.70 -3.76 -16.21
N HIS A 119 -20.87 -5.05 -16.10
CA HIS A 119 -20.19 -5.83 -15.10
C HIS A 119 -18.70 -5.85 -15.23
N ASP A 120 -18.22 -5.45 -16.42
CA ASP A 120 -16.81 -5.53 -16.72
C ASP A 120 -16.00 -4.40 -16.20
N ILE A 121 -16.59 -3.58 -15.35
CA ILE A 121 -15.86 -2.51 -14.69
C ILE A 121 -15.18 -3.07 -13.46
N PHE A 122 -15.50 -4.32 -13.10
CA PHE A 122 -14.88 -4.91 -11.90
C PHE A 122 -13.80 -5.94 -12.22
N TYR A 123 -12.88 -6.14 -11.31
CA TYR A 123 -11.99 -7.27 -11.44
C TYR A 123 -12.81 -8.60 -11.50
N THR A 124 -12.43 -9.49 -12.44
CA THR A 124 -13.15 -10.74 -12.74
C THR A 124 -12.18 -11.89 -12.82
N ASN A 125 -12.54 -13.01 -12.19
CA ASN A 125 -11.71 -14.16 -12.24
C ASN A 125 -12.18 -15.07 -13.38
N ARG A 126 -11.45 -16.12 -13.61
CA ARG A 126 -11.72 -17.01 -14.73
C ARG A 126 -13.12 -17.61 -14.69
N SER A 127 -13.62 -17.83 -13.49
CA SER A 127 -14.99 -18.35 -13.36
C SER A 127 -16.06 -17.32 -13.60
N GLY A 128 -15.68 -16.05 -13.73
CA GLY A 128 -16.57 -14.92 -14.00
C GLY A 128 -17.08 -14.20 -12.72
N THR A 129 -16.47 -14.46 -11.57
CA THR A 129 -16.91 -13.77 -10.36
C THR A 129 -16.41 -12.33 -10.40
N ARG A 130 -17.33 -11.40 -10.19
CA ARG A 130 -16.96 -9.98 -10.19
C ARG A 130 -16.74 -9.50 -8.80
N ASN A 131 -15.55 -8.95 -8.58
CA ASN A 131 -15.18 -8.35 -7.32
C ASN A 131 -15.47 -6.84 -7.36
N LYS A 132 -16.32 -6.37 -6.49
CA LYS A 132 -16.75 -5.00 -6.59
C LYS A 132 -15.95 -4.04 -5.73
N GLU A 133 -14.84 -4.48 -5.18
CA GLU A 133 -14.17 -3.65 -4.24
C GLU A 133 -13.30 -2.59 -4.85
N TYR A 134 -13.17 -2.56 -6.19
CA TYR A 134 -12.23 -1.63 -6.86
C TYR A 134 -12.41 -1.71 -8.34
N LEU A 135 -12.23 -0.63 -9.04
CA LEU A 135 -12.51 -0.70 -10.46
C LEU A 135 -11.29 -1.30 -11.19
N THR A 136 -11.53 -2.14 -12.19
CA THR A 136 -10.43 -2.72 -12.86
C THR A 136 -9.57 -1.69 -13.63
N VAL A 137 -8.26 -1.93 -13.65
CA VAL A 137 -7.32 -1.15 -14.44
C VAL A 137 -7.84 -1.03 -15.85
N GLY A 138 -8.60 -2.04 -16.31
CA GLY A 138 -9.05 -2.04 -17.69
C GLY A 138 -9.87 -0.77 -18.07
N VAL A 139 -10.49 -0.15 -17.04
CA VAL A 139 -11.30 1.03 -17.32
C VAL A 139 -10.64 2.35 -16.93
N ASP A 140 -9.29 2.35 -16.64
CA ASP A 140 -8.62 3.57 -16.22
C ASP A 140 -8.95 4.70 -17.17
N ASN A 141 -9.00 4.32 -18.46
CA ASN A 141 -9.16 5.30 -19.52
C ASN A 141 -10.38 5.13 -20.38
N GLU A 142 -11.43 4.47 -19.87
CA GLU A 142 -12.67 4.32 -20.62
C GLU A 142 -13.65 5.37 -20.15
N PRO A 143 -14.21 6.22 -21.04
CA PRO A 143 -15.04 7.34 -20.54
C PRO A 143 -16.48 6.94 -20.39
N ILE A 144 -16.69 5.91 -19.61
CA ILE A 144 -17.98 5.33 -19.40
C ILE A 144 -18.61 5.70 -18.06
N PHE A 145 -17.98 6.57 -17.24
CA PHE A 145 -18.61 6.91 -15.96
C PHE A 145 -19.22 8.27 -16.03
N HIS A 146 -20.39 8.36 -16.69
CA HIS A 146 -21.07 9.67 -16.92
C HIS A 146 -20.16 10.64 -17.65
N GLY A 147 -19.42 10.14 -18.64
CA GLY A 147 -18.52 11.03 -19.35
C GLY A 147 -17.07 11.04 -18.84
N ARG A 148 -16.82 10.57 -17.62
CA ARG A 148 -15.48 10.52 -17.07
C ARG A 148 -14.91 9.12 -17.17
N THR A 149 -13.56 9.05 -17.18
CA THR A 149 -12.77 7.83 -17.12
C THR A 149 -12.50 7.57 -15.66
N ALA A 150 -12.02 6.38 -15.28
CA ALA A 150 -11.80 6.16 -13.87
C ALA A 150 -10.69 7.06 -13.37
N ILE A 151 -9.65 7.27 -14.20
CA ILE A 151 -8.54 8.10 -13.74
C ILE A 151 -8.99 9.56 -13.50
N GLU A 152 -9.84 10.04 -14.39
CA GLU A 152 -10.47 11.36 -14.18
C GLU A 152 -11.25 11.44 -12.89
N ILE A 153 -11.96 10.39 -12.52
CA ILE A 153 -12.68 10.38 -11.28
C ILE A 153 -11.71 10.55 -10.09
N TYR A 154 -10.60 9.80 -10.10
CA TYR A 154 -9.68 9.86 -9.01
C TYR A 154 -9.02 11.21 -8.95
N SER A 155 -8.68 11.66 -10.11
CA SER A 155 -8.00 12.93 -10.20
C SER A 155 -8.89 14.09 -9.68
N ASP A 156 -10.13 14.14 -10.15
CA ASP A 156 -11.06 15.18 -9.71
C ASP A 156 -11.18 15.13 -8.18
N TYR A 157 -11.25 13.90 -7.66
CA TYR A 157 -11.40 13.73 -6.25
C TYR A 157 -10.24 14.35 -5.52
N MET A 158 -9.02 14.08 -5.99
CA MET A 158 -7.88 14.61 -5.24
C MET A 158 -7.79 16.14 -5.32
N LYS A 159 -8.23 16.70 -6.46
CA LYS A 159 -8.22 18.16 -6.65
C LYS A 159 -9.17 18.79 -5.64
N SER A 160 -10.36 18.16 -5.56
CA SER A 160 -11.36 18.64 -4.68
C SER A 160 -10.86 18.63 -3.24
N PHE A 161 -10.26 17.51 -2.84
CA PHE A 161 -9.69 17.35 -1.53
C PHE A 161 -8.69 18.47 -1.29
N ARG A 162 -7.83 18.69 -2.23
CA ARG A 162 -6.79 19.71 -2.12
C ARG A 162 -7.37 21.12 -1.90
N GLU A 163 -8.31 21.49 -2.73
CA GLU A 163 -8.90 22.78 -2.58
C GLU A 163 -9.67 22.89 -1.27
N ASN A 164 -10.50 21.87 -0.97
CA ASN A 164 -11.30 21.97 0.22
C ASN A 164 -10.61 21.84 1.59
N MET A 165 -9.39 21.32 1.62
CA MET A 165 -8.59 21.17 2.83
C MET A 165 -7.38 22.07 2.78
N SER A 166 -7.43 23.11 1.91
CA SER A 166 -6.18 23.85 1.76
C SER A 166 -5.67 24.47 3.05
N ASP A 167 -6.58 24.89 3.92
CA ASP A 167 -6.16 25.44 5.20
C ASP A 167 -5.35 24.41 6.03
N PHE A 168 -5.86 23.18 6.14
CA PHE A 168 -5.10 22.16 6.81
C PHE A 168 -3.79 21.89 6.08
N LEU A 169 -3.80 21.93 4.75
CA LEU A 169 -2.55 21.66 4.05
C LEU A 169 -1.48 22.72 4.37
N GLU A 170 -1.91 23.95 4.35
CA GLU A 170 -0.94 24.93 4.61
C GLU A 170 -0.54 25.06 6.04
N SER A 171 -1.38 24.66 6.99
CA SER A 171 -0.95 24.71 8.38
C SER A 171 -0.03 23.55 8.77
N GLY A 172 0.31 22.70 7.79
CA GLY A 172 1.23 21.57 7.96
C GLY A 172 0.69 20.36 8.75
N LEU A 173 -0.65 20.24 8.80
CA LEU A 173 -1.20 19.13 9.48
C LEU A 173 -0.97 17.83 8.66
N ILE A 174 -1.18 17.90 7.36
CA ILE A 174 -1.12 16.69 6.55
C ILE A 174 0.27 16.48 6.03
N ILE A 175 0.89 15.40 6.34
CA ILE A 175 2.23 15.27 5.85
C ILE A 175 2.42 14.35 4.64
N ASP A 176 1.54 13.37 4.46
CA ASP A 176 1.64 12.56 3.30
C ASP A 176 0.30 12.17 2.82
N ILE A 177 0.21 12.04 1.52
CA ILE A 177 -0.98 11.63 0.82
C ILE A 177 -0.73 10.24 0.28
N GLU A 178 -1.36 9.24 0.83
CA GLU A 178 -1.15 7.90 0.31
C GLU A 178 -2.16 7.68 -0.83
N VAL A 179 -1.73 7.36 -2.05
CA VAL A 179 -2.72 7.22 -3.10
C VAL A 179 -3.15 5.76 -3.24
N GLY A 180 -4.44 5.52 -2.94
CA GLY A 180 -4.99 4.17 -3.07
C GLY A 180 -4.98 3.75 -4.54
N LEU A 181 -4.44 2.56 -4.79
CA LEU A 181 -4.25 2.09 -6.15
C LEU A 181 -4.84 0.68 -6.42
N GLY A 182 -5.49 0.11 -5.42
CA GLY A 182 -6.10 -1.18 -5.61
C GLY A 182 -6.87 -1.54 -4.38
N PRO A 183 -7.21 -2.82 -4.27
CA PRO A 183 -7.88 -3.33 -3.08
C PRO A 183 -7.05 -3.00 -1.83
N ALA A 184 -7.73 -2.75 -0.70
CA ALA A 184 -7.06 -2.40 0.56
C ALA A 184 -6.17 -1.19 0.37
N GLY A 185 -6.38 -0.49 -0.77
CA GLY A 185 -5.58 0.70 -1.17
C GLY A 185 -4.19 0.39 -1.73
N GLU A 186 -3.89 -0.92 -1.91
CA GLU A 186 -2.59 -1.39 -2.33
C GLU A 186 -2.50 -1.49 -3.84
N LEU A 187 -1.31 -1.23 -4.39
CA LEU A 187 -1.12 -1.43 -5.82
C LEU A 187 -0.95 -2.94 -6.06
N ARG A 188 -2.07 -3.62 -6.35
CA ARG A 188 -2.09 -5.08 -6.58
C ARG A 188 -3.44 -5.48 -7.12
N TYR A 189 -3.57 -6.74 -7.55
CA TYR A 189 -4.81 -7.29 -8.02
C TYR A 189 -5.44 -7.93 -6.81
N PRO A 190 -6.74 -8.05 -6.81
CA PRO A 190 -7.36 -8.68 -5.67
C PRO A 190 -7.22 -10.25 -5.82
N SER A 191 -6.00 -10.77 -5.81
CA SER A 191 -5.88 -12.18 -6.02
C SER A 191 -6.28 -13.10 -4.85
N TYR A 192 -6.40 -12.57 -3.65
CA TYR A 192 -6.71 -13.39 -2.50
C TYR A 192 -7.88 -12.87 -1.76
N PRO A 193 -9.08 -12.91 -2.40
CA PRO A 193 -10.27 -12.35 -1.78
C PRO A 193 -10.87 -13.31 -0.79
N GLN A 194 -10.85 -12.92 0.48
CA GLN A 194 -11.53 -13.69 1.51
C GLN A 194 -13.01 -13.86 1.14
N SER A 195 -13.58 -12.83 0.49
CA SER A 195 -14.96 -12.83 0.12
C SER A 195 -15.34 -13.92 -0.88
N GLN A 196 -14.34 -14.62 -1.41
CA GLN A 196 -14.59 -15.69 -2.40
C GLN A 196 -14.09 -17.03 -1.94
N GLY A 197 -13.70 -17.15 -0.68
CA GLY A 197 -13.22 -18.41 -0.19
C GLY A 197 -11.78 -18.28 0.31
N TRP A 198 -10.93 -17.76 -0.58
CA TRP A 198 -9.47 -17.79 -0.37
C TRP A 198 -9.16 -17.93 1.11
N GLU A 199 -8.18 -18.78 1.36
CA GLU A 199 -7.67 -19.03 2.71
C GLU A 199 -6.13 -19.06 2.67
N PHE A 200 -5.55 -18.68 3.79
CA PHE A 200 -4.14 -18.29 3.87
C PHE A 200 -3.32 -18.95 2.76
N PRO A 201 -2.56 -20.01 3.07
CA PRO A 201 -1.40 -20.40 2.28
C PRO A 201 -1.81 -20.88 0.90
N ARG A 202 -2.89 -20.31 0.41
CA ARG A 202 -3.36 -20.59 -0.96
C ARG A 202 -2.82 -19.53 -1.93
N ILE A 203 -2.75 -19.92 -3.19
CA ILE A 203 -1.91 -19.23 -4.21
C ILE A 203 -2.63 -18.03 -4.80
N GLY A 204 -3.96 -18.03 -4.71
CA GLY A 204 -4.76 -16.98 -5.28
C GLY A 204 -5.01 -17.19 -6.79
N GLU A 205 -5.81 -16.31 -7.40
CA GLU A 205 -6.10 -16.40 -8.83
C GLU A 205 -5.82 -15.09 -9.52
N PHE A 206 -5.40 -15.18 -10.84
CA PHE A 206 -5.17 -14.08 -11.75
C PHE A 206 -6.49 -13.39 -11.92
N GLN A 207 -6.45 -12.08 -12.01
CA GLN A 207 -7.68 -11.31 -12.10
C GLN A 207 -7.76 -10.43 -13.38
N CYS A 208 -7.54 -11.03 -14.55
CA CYS A 208 -7.56 -10.28 -15.78
C CYS A 208 -8.65 -10.73 -16.73
N TYR A 209 -9.74 -11.28 -16.21
CA TYR A 209 -10.77 -11.82 -17.07
C TYR A 209 -11.87 -10.85 -17.51
N ASP A 210 -11.94 -9.62 -16.95
CA ASP A 210 -12.95 -8.65 -17.43
C ASP A 210 -12.71 -8.36 -18.93
N LYS A 211 -13.72 -7.89 -19.61
CA LYS A 211 -13.54 -7.76 -21.03
C LYS A 211 -12.53 -6.83 -21.55
N TYR A 212 -12.16 -5.82 -20.77
CA TYR A 212 -11.26 -4.83 -21.30
C TYR A 212 -9.90 -5.40 -21.20
N LEU A 213 -9.61 -6.03 -20.08
CA LEU A 213 -8.27 -6.62 -19.91
C LEU A 213 -8.02 -7.75 -20.91
N LYS A 214 -9.07 -8.57 -21.12
CA LYS A 214 -9.00 -9.71 -22.06
C LYS A 214 -8.76 -9.24 -23.51
N ALA A 215 -9.47 -8.16 -23.92
CA ALA A 215 -9.28 -7.58 -25.24
C ALA A 215 -7.89 -6.98 -25.40
N ASP A 216 -7.34 -6.34 -24.31
CA ASP A 216 -6.01 -5.75 -24.36
C ASP A 216 -4.98 -6.87 -24.51
N PHE A 217 -5.19 -7.90 -23.73
CA PHE A 217 -4.33 -9.04 -23.79
C PHE A 217 -4.31 -9.65 -25.20
N LYS A 218 -5.47 -9.95 -25.72
CA LYS A 218 -5.58 -10.50 -27.04
C LYS A 218 -4.94 -9.64 -28.10
N ALA A 219 -5.13 -8.33 -28.05
CA ALA A 219 -4.48 -7.52 -29.09
C ALA A 219 -2.99 -7.59 -28.89
N ALA A 220 -2.55 -7.59 -27.67
CA ALA A 220 -1.12 -7.57 -27.48
C ALA A 220 -0.42 -8.86 -27.98
N VAL A 221 -1.03 -10.02 -27.71
CA VAL A 221 -0.39 -11.26 -28.17
C VAL A 221 -0.31 -11.30 -29.67
N ALA A 222 -1.36 -10.78 -30.31
CA ALA A 222 -1.43 -10.75 -31.75
C ALA A 222 -0.28 -9.90 -32.26
N ARG A 223 0.01 -8.81 -31.58
CA ARG A 223 1.13 -8.01 -32.09
C ARG A 223 2.48 -8.74 -31.90
N ALA A 224 2.56 -9.60 -30.91
CA ALA A 224 3.75 -10.35 -30.56
C ALA A 224 3.96 -11.45 -31.57
N GLY A 225 2.89 -11.76 -32.27
CA GLY A 225 2.93 -12.80 -33.28
C GLY A 225 2.21 -14.12 -32.94
N HIS A 226 1.39 -14.10 -31.87
CA HIS A 226 0.72 -15.27 -31.35
C HIS A 226 -0.67 -14.98 -31.01
N PRO A 227 -1.44 -14.66 -32.02
CA PRO A 227 -2.82 -14.31 -31.87
C PRO A 227 -3.57 -15.36 -31.15
N GLU A 228 -3.02 -16.54 -31.21
CA GLU A 228 -3.67 -17.70 -30.70
C GLU A 228 -3.53 -17.83 -29.20
N TRP A 229 -2.56 -17.16 -28.62
CA TRP A 229 -2.40 -17.25 -27.19
C TRP A 229 -3.64 -16.75 -26.44
N GLU A 230 -3.96 -17.43 -25.35
CA GLU A 230 -5.12 -17.16 -24.51
C GLU A 230 -4.68 -16.83 -23.11
N LEU A 231 -5.61 -16.36 -22.31
CA LEU A 231 -5.32 -16.10 -20.91
C LEU A 231 -5.14 -17.47 -20.22
N PRO A 232 -4.43 -17.53 -19.11
CA PRO A 232 -4.14 -18.78 -18.51
C PRO A 232 -5.34 -19.57 -18.14
N ASP A 233 -5.20 -20.86 -18.38
CA ASP A 233 -6.27 -21.73 -18.05
C ASP A 233 -5.82 -22.94 -17.30
N ASP A 234 -4.61 -22.92 -16.82
CA ASP A 234 -4.20 -24.04 -16.03
C ASP A 234 -3.67 -23.63 -14.67
N ALA A 235 -4.11 -22.42 -14.16
CA ALA A 235 -3.47 -21.87 -12.97
C ALA A 235 -4.10 -22.29 -11.70
N GLY A 236 -5.20 -23.01 -11.80
CA GLY A 236 -5.83 -23.54 -10.58
C GLY A 236 -6.84 -22.60 -9.92
N LYS A 237 -7.02 -22.78 -8.63
CA LYS A 237 -7.92 -21.89 -7.94
C LYS A 237 -7.32 -21.33 -6.67
N TYR A 238 -8.09 -20.39 -6.10
CA TYR A 238 -7.67 -19.63 -4.91
C TYR A 238 -6.79 -20.38 -3.93
N ASN A 239 -7.29 -21.55 -3.57
CA ASN A 239 -6.62 -22.29 -2.50
C ASN A 239 -5.71 -23.41 -2.93
N ASP A 240 -5.29 -23.42 -4.22
CA ASP A 240 -4.41 -24.45 -4.67
C ASP A 240 -3.09 -24.22 -4.07
N VAL A 241 -2.24 -25.20 -4.21
CA VAL A 241 -0.82 -25.09 -3.96
C VAL A 241 -0.19 -25.15 -5.37
N PRO A 242 0.96 -24.53 -5.56
CA PRO A 242 1.50 -24.38 -6.89
C PRO A 242 1.70 -25.69 -7.64
N GLU A 243 2.30 -26.66 -6.92
CA GLU A 243 2.67 -27.89 -7.54
C GLU A 243 1.48 -28.56 -8.03
N SER A 244 0.33 -28.16 -7.54
CA SER A 244 -0.85 -28.81 -8.03
C SER A 244 -1.43 -28.16 -9.28
N THR A 245 -0.65 -27.25 -9.91
CA THR A 245 -1.18 -26.54 -11.07
C THR A 245 -0.34 -26.72 -12.31
N GLY A 246 -0.97 -26.69 -13.47
CA GLY A 246 -0.11 -26.73 -14.65
C GLY A 246 0.77 -25.48 -14.79
N PHE A 247 0.27 -24.34 -14.31
CA PHE A 247 0.92 -23.06 -14.60
C PHE A 247 2.25 -22.90 -13.86
N PHE A 248 2.13 -23.25 -12.59
CA PHE A 248 3.17 -22.97 -11.64
C PHE A 248 4.04 -24.21 -11.31
N LYS A 249 3.70 -25.42 -11.77
CA LYS A 249 4.64 -26.45 -11.35
C LYS A 249 6.03 -26.29 -12.03
N SER A 250 7.05 -27.11 -11.66
CA SER A 250 8.29 -26.95 -12.36
C SER A 250 8.15 -27.27 -13.82
N ASN A 251 8.87 -26.48 -14.61
CA ASN A 251 8.76 -26.64 -16.02
C ASN A 251 7.31 -26.35 -16.48
N GLY A 252 6.49 -25.70 -15.60
CA GLY A 252 5.12 -25.35 -15.99
C GLY A 252 5.01 -24.18 -17.01
N THR A 253 3.78 -23.78 -17.25
CA THR A 253 3.55 -22.70 -18.15
C THR A 253 4.23 -21.42 -17.79
N TYR A 254 4.36 -21.11 -16.50
CA TYR A 254 5.02 -19.82 -16.12
C TYR A 254 6.44 -19.56 -16.70
N VAL A 255 7.13 -20.64 -17.14
CA VAL A 255 8.46 -20.49 -17.68
C VAL A 255 8.47 -20.65 -19.15
N THR A 256 7.30 -20.81 -19.73
CA THR A 256 7.24 -20.76 -21.21
C THR A 256 7.22 -19.31 -21.72
N GLU A 257 7.35 -19.15 -23.04
CA GLU A 257 7.23 -17.84 -23.70
C GLU A 257 5.91 -17.15 -23.42
N LYS A 258 4.89 -17.93 -23.63
CA LYS A 258 3.50 -17.53 -23.46
C LYS A 258 3.27 -17.05 -22.03
N GLY A 259 3.78 -17.81 -21.08
CA GLY A 259 3.60 -17.50 -19.67
C GLY A 259 4.36 -16.25 -19.31
N LYS A 260 5.61 -16.12 -19.82
CA LYS A 260 6.46 -14.99 -19.54
C LYS A 260 5.85 -13.76 -20.11
N PHE A 261 5.41 -13.88 -21.38
CA PHE A 261 4.74 -12.81 -22.04
C PHE A 261 3.53 -12.29 -21.18
N PHE A 262 2.67 -13.23 -20.80
CA PHE A 262 1.49 -12.99 -19.97
C PHE A 262 1.86 -12.27 -18.67
N LEU A 263 2.84 -12.85 -17.99
CA LEU A 263 3.25 -12.32 -16.70
C LEU A 263 3.82 -10.94 -16.84
N THR A 264 4.49 -10.71 -17.93
CA THR A 264 5.01 -9.39 -18.11
C THR A 264 3.85 -8.39 -18.38
N TRP A 265 2.97 -8.76 -19.32
CA TRP A 265 1.79 -7.96 -19.60
C TRP A 265 1.02 -7.59 -18.31
N TYR A 266 0.69 -8.63 -17.52
CA TYR A 266 -0.09 -8.53 -16.31
C TYR A 266 0.54 -7.60 -15.25
N SER A 267 1.82 -7.78 -14.97
CA SER A 267 2.56 -6.96 -13.99
C SER A 267 2.75 -5.52 -14.50
N ASN A 268 2.90 -5.39 -15.83
CA ASN A 268 3.05 -4.06 -16.39
C ASN A 268 1.74 -3.27 -16.30
N LYS A 269 0.59 -3.90 -16.38
CA LYS A 269 -0.64 -3.16 -16.22
C LYS A 269 -0.68 -2.42 -14.88
N LEU A 270 -0.12 -3.04 -13.87
CA LEU A 270 -0.05 -2.37 -12.58
C LEU A 270 0.86 -1.18 -12.61
N LEU A 271 2.09 -1.39 -13.07
CA LEU A 271 3.04 -0.31 -13.14
C LEU A 271 2.41 0.90 -13.84
N ASN A 272 1.84 0.70 -15.00
CA ASN A 272 1.26 1.86 -15.72
C ASN A 272 0.04 2.44 -14.96
N HIS A 273 -0.79 1.60 -14.38
CA HIS A 273 -1.87 2.08 -13.54
C HIS A 273 -1.29 3.00 -12.46
N GLY A 274 -0.27 2.54 -11.73
CA GLY A 274 0.28 3.39 -10.71
C GLY A 274 0.88 4.69 -11.26
N ASP A 275 1.61 4.60 -12.38
CA ASP A 275 2.30 5.77 -12.92
C ASP A 275 1.35 6.89 -13.33
N GLN A 276 0.31 6.53 -14.05
CA GLN A 276 -0.68 7.47 -14.53
C GLN A 276 -1.43 8.18 -13.42
N ILE A 277 -1.84 7.44 -12.38
CA ILE A 277 -2.58 8.04 -11.28
C ILE A 277 -1.68 8.94 -10.42
N LEU A 278 -0.43 8.54 -10.19
CA LEU A 278 0.50 9.36 -9.48
C LEU A 278 0.72 10.65 -10.24
N ASP A 279 0.65 10.58 -11.55
CA ASP A 279 0.79 11.78 -12.35
C ASP A 279 -0.30 12.75 -11.99
N GLU A 280 -1.49 12.22 -11.90
CA GLU A 280 -2.66 13.06 -11.56
C GLU A 280 -2.51 13.61 -10.13
N ALA A 281 -1.99 12.78 -9.19
CA ALA A 281 -1.85 13.19 -7.82
C ALA A 281 -0.81 14.27 -7.70
N ASN A 282 0.21 14.16 -8.49
CA ASN A 282 1.25 15.13 -8.44
C ASN A 282 0.69 16.43 -8.91
N LYS A 283 -0.12 16.40 -9.94
CA LYS A 283 -0.61 17.66 -10.35
C LYS A 283 -1.63 18.22 -9.37
N ALA A 284 -2.41 17.38 -8.78
CA ALA A 284 -3.35 17.91 -7.84
C ALA A 284 -2.66 18.55 -6.59
N PHE A 285 -1.50 18.05 -6.17
CA PHE A 285 -0.98 18.53 -4.87
C PHE A 285 0.20 19.39 -5.08
N LEU A 286 0.42 19.70 -6.35
CA LEU A 286 1.60 20.46 -6.73
C LEU A 286 1.75 21.73 -5.85
N GLY A 287 2.92 22.02 -5.32
CA GLY A 287 3.06 23.18 -4.50
C GLY A 287 2.83 22.89 -3.02
N CYS A 288 2.10 21.83 -2.70
CA CYS A 288 1.80 21.56 -1.29
C CYS A 288 2.99 20.96 -0.54
N LYS A 289 3.12 21.29 0.77
CA LYS A 289 4.11 20.65 1.58
C LYS A 289 3.64 19.24 1.98
N VAL A 290 3.70 18.28 1.05
CA VAL A 290 3.37 16.90 1.38
C VAL A 290 4.26 16.05 0.51
N LYS A 291 4.30 14.75 0.80
CA LYS A 291 4.92 13.76 -0.05
C LYS A 291 3.84 12.89 -0.49
N LEU A 292 4.02 12.21 -1.61
CA LEU A 292 3.07 11.22 -2.06
C LEU A 292 3.58 9.88 -1.65
N ALA A 293 2.71 8.90 -1.52
CA ALA A 293 3.13 7.56 -1.14
C ALA A 293 2.18 6.55 -1.74
N ILE A 294 2.65 5.32 -1.99
CA ILE A 294 1.78 4.25 -2.41
C ILE A 294 2.04 3.10 -1.53
N LYS A 295 1.08 2.16 -1.54
CA LYS A 295 1.18 0.99 -0.68
C LYS A 295 1.41 -0.27 -1.50
N VAL A 296 2.40 -1.08 -1.06
CA VAL A 296 2.75 -2.33 -1.73
C VAL A 296 2.55 -3.44 -0.75
N SER A 297 1.75 -4.42 -1.09
CA SER A 297 1.40 -5.51 -0.18
C SER A 297 2.59 -6.45 0.06
N GLY A 298 2.65 -7.13 1.22
CA GLY A 298 3.78 -8.08 1.49
C GLY A 298 3.33 -9.53 1.30
N ILE A 299 3.54 -10.08 0.10
CA ILE A 299 3.04 -11.44 -0.13
C ILE A 299 4.17 -12.43 0.04
N HIS A 300 4.33 -12.88 1.31
CA HIS A 300 5.48 -13.63 1.75
C HIS A 300 5.32 -15.13 1.53
N TRP A 301 4.08 -15.58 1.41
CA TRP A 301 3.77 -16.96 1.17
C TRP A 301 4.13 -17.41 -0.28
N TRP A 302 4.87 -18.54 -0.35
CA TRP A 302 5.44 -19.15 -1.58
C TRP A 302 6.66 -18.41 -2.03
N TYR A 303 7.08 -17.50 -1.15
CA TYR A 303 8.25 -16.68 -1.47
C TYR A 303 9.44 -17.61 -1.62
N LYS A 304 9.42 -18.69 -0.88
CA LYS A 304 10.58 -19.55 -0.89
C LYS A 304 10.53 -20.63 -1.91
N VAL A 305 9.57 -20.63 -2.82
CA VAL A 305 9.65 -21.58 -3.89
C VAL A 305 9.92 -20.82 -5.15
N GLU A 306 10.52 -21.48 -6.10
CA GLU A 306 10.93 -20.87 -7.34
C GLU A 306 9.81 -20.14 -8.04
N ASN A 307 8.59 -20.61 -7.88
CA ASN A 307 7.51 -20.01 -8.65
C ASN A 307 6.88 -18.72 -8.05
N HIS A 308 6.98 -18.49 -6.72
CA HIS A 308 6.46 -17.27 -6.09
C HIS A 308 5.02 -17.04 -6.50
N ALA A 309 4.27 -18.15 -6.50
CA ALA A 309 2.96 -18.15 -7.02
C ALA A 309 2.08 -16.99 -6.55
N ALA A 310 1.97 -16.79 -5.22
CA ALA A 310 1.09 -15.75 -4.68
C ALA A 310 1.54 -14.36 -5.13
N GLU A 311 2.83 -14.15 -5.13
CA GLU A 311 3.30 -12.88 -5.66
C GLU A 311 2.80 -12.71 -7.10
N LEU A 312 3.20 -13.58 -8.06
CA LEU A 312 2.59 -13.52 -9.40
C LEU A 312 1.13 -13.77 -9.11
N THR A 313 0.22 -13.37 -9.79
CA THR A 313 -1.12 -13.57 -9.13
C THR A 313 -1.64 -12.27 -8.58
N ALA A 314 -0.86 -11.71 -7.68
CA ALA A 314 -1.16 -10.38 -7.15
C ALA A 314 -0.63 -9.33 -8.13
N GLY A 315 0.22 -9.77 -9.06
CA GLY A 315 0.72 -8.87 -10.11
C GLY A 315 2.09 -8.37 -9.80
N TYR A 316 2.77 -8.98 -8.83
CA TYR A 316 4.16 -8.70 -8.59
C TYR A 316 5.05 -9.74 -9.28
N TYR A 317 5.62 -9.40 -10.47
CA TYR A 317 6.38 -10.41 -11.30
C TYR A 317 7.78 -10.66 -10.72
N ASN A 318 7.76 -11.22 -9.51
CA ASN A 318 8.93 -11.47 -8.73
C ASN A 318 9.35 -12.97 -8.68
N LEU A 319 10.57 -13.26 -9.24
CA LEU A 319 11.14 -14.59 -9.19
C LEU A 319 12.51 -14.53 -8.58
N ASN A 320 13.18 -15.66 -8.46
CA ASN A 320 14.54 -15.63 -7.94
C ASN A 320 15.49 -15.01 -8.88
N ASP A 321 15.12 -14.89 -10.13
CA ASP A 321 16.03 -14.24 -11.01
C ASP A 321 15.45 -13.03 -11.72
N ARG A 322 14.36 -12.48 -11.13
CA ARG A 322 13.73 -11.31 -11.76
C ARG A 322 13.15 -10.44 -10.69
N ASP A 323 13.76 -9.29 -10.43
CA ASP A 323 13.31 -8.50 -9.30
C ASP A 323 11.95 -7.84 -9.65
N GLY A 324 10.88 -8.24 -9.04
CA GLY A 324 9.61 -7.62 -9.47
C GLY A 324 9.21 -6.35 -8.68
N TYR A 325 9.97 -5.98 -7.63
CA TYR A 325 9.69 -4.79 -6.85
C TYR A 325 10.52 -3.57 -7.25
N ARG A 326 11.78 -3.76 -7.55
CA ARG A 326 12.58 -2.65 -7.88
C ARG A 326 12.05 -1.84 -9.04
N PRO A 327 11.29 -2.41 -9.93
CA PRO A 327 10.78 -1.54 -10.95
C PRO A 327 9.74 -0.63 -10.41
N ILE A 328 9.01 -1.07 -9.42
CA ILE A 328 8.00 -0.20 -8.83
C ILE A 328 8.68 0.95 -8.18
N ALA A 329 9.77 0.65 -7.51
CA ALA A 329 10.54 1.70 -6.85
C ALA A 329 11.10 2.72 -7.86
N ARG A 330 11.51 2.25 -9.00
CA ARG A 330 12.06 3.16 -9.94
C ARG A 330 10.95 4.06 -10.44
N MET A 331 9.80 3.45 -10.75
CA MET A 331 8.61 4.20 -11.18
C MET A 331 8.27 5.35 -10.17
N LEU A 332 8.33 5.05 -8.86
CA LEU A 332 8.07 6.00 -7.83
C LEU A 332 9.07 7.12 -7.87
N SER A 333 10.29 6.82 -8.30
CA SER A 333 11.28 7.90 -8.27
C SER A 333 10.97 9.17 -9.06
N ARG A 334 10.30 9.07 -10.24
CA ARG A 334 10.00 10.27 -11.01
C ARG A 334 9.01 11.16 -10.35
N HIS A 335 8.20 10.58 -9.46
CA HIS A 335 7.20 11.26 -8.71
C HIS A 335 7.68 11.63 -7.33
N HIS A 336 8.92 11.34 -6.99
CA HIS A 336 9.44 11.65 -5.69
C HIS A 336 8.61 11.04 -4.59
N ALA A 337 8.05 9.86 -4.87
CA ALA A 337 7.19 9.22 -3.88
C ALA A 337 7.86 8.16 -3.05
N ILE A 338 7.17 7.87 -1.99
CA ILE A 338 7.52 6.95 -0.95
C ILE A 338 6.85 5.59 -1.24
N LEU A 339 7.63 4.56 -0.98
CA LEU A 339 7.13 3.19 -1.06
C LEU A 339 6.70 2.73 0.34
N ASN A 340 5.42 2.61 0.54
CA ASN A 340 4.95 2.19 1.82
C ASN A 340 4.73 0.65 1.78
N PHE A 341 5.65 -0.09 2.40
CA PHE A 341 5.62 -1.56 2.40
C PHE A 341 4.79 -2.12 3.58
N THR A 342 3.64 -2.64 3.29
CA THR A 342 2.62 -2.95 4.29
C THR A 342 2.76 -4.20 5.22
N CYS A 343 3.97 -4.80 5.33
CA CYS A 343 4.14 -5.96 6.19
C CYS A 343 5.54 -5.89 6.74
N LEU A 344 5.72 -5.64 8.03
CA LEU A 344 7.06 -5.34 8.51
C LEU A 344 7.40 -6.18 9.73
N GLU A 345 6.33 -6.73 10.36
CA GLU A 345 6.50 -7.35 11.65
C GLU A 345 6.84 -8.86 11.74
N MET A 346 6.48 -9.60 10.71
CA MET A 346 6.56 -11.03 10.74
C MET A 346 7.95 -11.62 10.73
N ARG A 347 8.08 -12.78 11.43
CA ARG A 347 9.32 -13.55 11.41
C ARG A 347 9.07 -14.85 10.62
N ASP A 348 10.07 -15.32 9.89
CA ASP A 348 9.83 -16.51 9.09
C ASP A 348 9.30 -17.66 9.94
N SER A 349 9.86 -17.80 11.12
CA SER A 349 9.44 -18.88 11.97
C SER A 349 8.04 -18.78 12.54
N GLU A 350 7.27 -17.76 12.22
CA GLU A 350 5.95 -17.72 12.80
C GLU A 350 5.01 -18.27 11.77
N GLN A 351 5.57 -18.65 10.61
CA GLN A 351 4.66 -19.14 9.56
C GLN A 351 4.61 -20.66 9.55
N PRO A 352 3.47 -21.22 9.21
CA PRO A 352 3.38 -22.66 8.98
C PRO A 352 4.39 -23.04 7.96
N SER A 353 5.04 -24.14 8.20
CA SER A 353 6.12 -24.57 7.30
C SER A 353 5.68 -24.79 5.86
N ASP A 354 4.46 -25.28 5.69
CA ASP A 354 3.93 -25.60 4.42
C ASP A 354 3.59 -24.40 3.55
N ALA A 355 3.72 -23.22 4.09
CA ALA A 355 3.43 -22.04 3.30
C ALA A 355 4.67 -21.52 2.59
N LYS A 356 5.84 -22.11 2.87
CA LYS A 356 7.12 -21.67 2.32
C LYS A 356 7.23 -20.17 2.37
N SER A 357 7.00 -19.59 3.56
CA SER A 357 6.97 -18.17 3.76
C SER A 357 8.30 -17.61 3.95
N GLY A 358 8.57 -16.50 3.28
CA GLY A 358 9.84 -15.83 3.50
C GLY A 358 9.66 -14.33 3.80
N PRO A 359 8.85 -13.99 4.81
CA PRO A 359 8.63 -12.57 5.16
C PRO A 359 9.91 -11.73 5.41
N GLN A 360 10.87 -12.23 6.21
CA GLN A 360 12.05 -11.42 6.44
C GLN A 360 12.87 -11.16 5.22
N GLU A 361 12.99 -12.17 4.39
CA GLU A 361 13.72 -12.03 3.10
C GLU A 361 13.01 -11.07 2.13
N LEU A 362 11.69 -11.24 2.05
CA LEU A 362 10.87 -10.40 1.22
C LEU A 362 11.11 -8.94 1.63
N VAL A 363 11.02 -8.67 2.94
CA VAL A 363 11.32 -7.33 3.51
C VAL A 363 12.69 -6.75 3.03
N GLN A 364 13.76 -7.51 3.22
CA GLN A 364 15.08 -7.06 2.82
C GLN A 364 15.22 -6.79 1.36
N GLN A 365 14.60 -7.69 0.55
CA GLN A 365 14.53 -7.47 -0.90
C GLN A 365 13.88 -6.10 -1.19
N VAL A 366 12.66 -5.90 -0.73
CA VAL A 366 11.87 -4.67 -1.04
C VAL A 366 12.56 -3.36 -0.53
N LEU A 367 12.97 -3.33 0.75
CA LEU A 367 13.57 -2.11 1.25
C LEU A 367 14.88 -1.78 0.59
N SER A 368 15.65 -2.88 0.33
CA SER A 368 16.93 -2.71 -0.33
C SER A 368 16.74 -2.15 -1.73
N GLY A 369 15.73 -2.69 -2.46
CA GLY A 369 15.49 -2.18 -3.83
C GLY A 369 15.20 -0.64 -3.82
N GLY A 370 14.40 -0.23 -2.83
CA GLY A 370 14.01 1.15 -2.66
C GLY A 370 15.21 1.97 -2.36
N TRP A 371 15.95 1.53 -1.41
CA TRP A 371 17.13 2.28 -1.02
C TRP A 371 18.10 2.39 -2.18
N ARG A 372 18.19 1.31 -2.92
CA ARG A 372 19.06 1.28 -4.04
C ARG A 372 18.62 2.28 -5.17
N GLU A 373 17.31 2.45 -5.37
CA GLU A 373 16.81 3.38 -6.38
C GLU A 373 16.75 4.80 -5.85
N ASP A 374 17.17 4.95 -4.59
CA ASP A 374 17.20 6.22 -3.93
C ASP A 374 15.82 6.84 -3.74
N ILE A 375 14.86 6.06 -3.26
CA ILE A 375 13.60 6.60 -2.90
C ILE A 375 13.43 6.43 -1.42
N ARG A 376 12.36 6.99 -0.86
CA ARG A 376 12.09 6.88 0.55
C ARG A 376 11.25 5.68 0.78
N VAL A 377 11.50 4.98 1.90
CA VAL A 377 10.75 3.72 2.15
C VAL A 377 10.04 3.76 3.49
N ALA A 378 8.76 3.43 3.56
CA ALA A 378 8.08 3.41 4.84
C ALA A 378 7.39 2.06 5.02
N GLY A 379 6.71 1.81 6.11
CA GLY A 379 6.00 0.55 6.13
C GLY A 379 5.00 0.49 7.25
N GLU A 380 4.27 -0.68 7.37
CA GLU A 380 3.28 -0.93 8.43
C GLU A 380 3.39 -2.36 8.87
N ASN A 381 2.76 -2.68 9.95
CA ASN A 381 2.68 -4.02 10.32
C ASN A 381 1.43 -4.51 9.66
N ALA A 382 1.47 -5.76 9.18
CA ALA A 382 0.30 -6.31 8.46
C ALA A 382 -0.80 -6.71 9.40
N LEU A 383 -0.45 -7.26 10.59
CA LEU A 383 -1.52 -7.71 11.48
C LEU A 383 -1.36 -7.13 12.84
N PRO A 384 -2.43 -7.07 13.61
CA PRO A 384 -2.35 -6.49 14.94
C PRO A 384 -1.39 -7.21 15.87
N ARG A 385 -0.39 -6.53 16.39
CA ARG A 385 0.49 -7.21 17.32
C ARG A 385 0.76 -6.32 18.50
N TYR A 386 0.92 -6.91 19.69
CA TYR A 386 1.12 -6.18 20.94
C TYR A 386 2.34 -6.60 21.68
N ASP A 387 3.12 -7.57 21.14
CA ASP A 387 4.27 -8.16 21.87
C ASP A 387 5.61 -7.61 21.50
N ALA A 388 6.58 -7.72 22.40
CA ALA A 388 7.88 -7.15 22.10
C ALA A 388 8.49 -7.74 20.89
N THR A 389 8.14 -8.99 20.68
CA THR A 389 8.67 -9.70 19.52
C THR A 389 8.40 -8.94 18.21
N ALA A 390 7.14 -8.67 17.92
CA ALA A 390 6.75 -7.90 16.77
C ALA A 390 7.45 -6.55 16.78
N TYR A 391 7.35 -5.80 17.88
CA TYR A 391 7.98 -4.51 17.95
C TYR A 391 9.45 -4.54 17.63
N ASN A 392 10.20 -5.46 18.22
CA ASN A 392 11.63 -5.51 17.93
C ASN A 392 11.93 -5.83 16.46
N GLN A 393 10.99 -6.49 15.81
CA GLN A 393 11.14 -6.84 14.40
C GLN A 393 10.99 -5.57 13.54
N ILE A 394 9.99 -4.75 13.88
CA ILE A 394 9.76 -3.49 13.18
C ILE A 394 10.95 -2.53 13.34
N ILE A 395 11.47 -2.45 14.60
CA ILE A 395 12.65 -1.66 14.91
C ILE A 395 13.90 -2.07 14.10
N LEU A 396 14.11 -3.39 13.98
CA LEU A 396 15.25 -3.88 13.17
C LEU A 396 15.10 -3.39 11.70
N ASN A 397 13.90 -3.59 11.13
CA ASN A 397 13.61 -3.16 9.74
C ASN A 397 13.75 -1.65 9.53
N ALA A 398 13.43 -0.88 10.60
CA ALA A 398 13.49 0.56 10.56
C ALA A 398 14.93 1.08 10.44
N LYS A 399 15.84 0.40 11.12
CA LYS A 399 17.24 0.76 11.10
C LYS A 399 18.05 -0.55 11.07
N PRO A 400 18.11 -1.15 9.88
CA PRO A 400 18.68 -2.44 9.62
C PRO A 400 20.13 -2.64 10.11
N GLN A 401 20.89 -1.54 10.13
CA GLN A 401 22.25 -1.55 10.56
C GLN A 401 22.46 -0.87 11.93
N GLY A 402 21.37 -0.66 12.67
CA GLY A 402 21.50 -0.02 13.97
C GLY A 402 21.64 1.51 13.86
N VAL A 403 21.84 2.09 15.01
CA VAL A 403 21.91 3.51 15.21
C VAL A 403 23.33 3.92 14.97
N ASN A 404 23.55 5.13 14.49
CA ASN A 404 24.89 5.69 14.33
C ASN A 404 25.10 6.78 15.37
N ASN A 405 25.95 6.49 16.33
CA ASN A 405 26.07 7.43 17.41
C ASN A 405 26.85 8.65 17.04
N ASN A 406 27.31 8.67 15.81
CA ASN A 406 28.02 9.85 15.37
C ASN A 406 27.58 10.30 14.00
N GLY A 407 26.26 10.31 13.79
CA GLY A 407 25.74 10.70 12.49
C GLY A 407 24.43 10.01 12.21
N PRO A 408 23.92 10.23 11.03
CA PRO A 408 22.69 9.64 10.58
C PRO A 408 23.00 8.17 10.32
N PRO A 409 22.03 7.29 10.50
CA PRO A 409 22.29 5.87 10.20
C PRO A 409 22.55 5.73 8.70
N LYS A 410 23.27 4.67 8.26
CA LYS A 410 23.41 4.53 6.78
C LYS A 410 22.11 4.10 6.13
N LEU A 411 21.29 3.33 6.86
CA LEU A 411 20.02 2.89 6.29
C LEU A 411 18.93 3.14 7.28
N SER A 412 17.88 3.84 6.84
CA SER A 412 16.74 4.00 7.73
C SER A 412 15.49 4.18 7.01
N MET A 413 14.43 3.70 7.61
CA MET A 413 13.13 3.90 7.02
C MET A 413 12.64 5.29 7.31
N PHE A 414 11.74 5.78 6.46
CA PHE A 414 11.25 7.15 6.50
C PHE A 414 10.12 7.35 7.51
N GLY A 415 9.53 6.24 7.96
CA GLY A 415 8.43 6.25 8.90
C GLY A 415 7.81 4.84 8.96
N VAL A 416 7.09 4.58 10.07
CA VAL A 416 6.32 3.34 10.25
C VAL A 416 4.95 3.65 10.86
N THR A 417 3.93 3.10 10.23
CA THR A 417 2.53 3.31 10.65
C THR A 417 1.99 2.02 11.28
N TYR A 418 1.99 2.03 12.61
CA TYR A 418 1.44 0.93 13.42
C TYR A 418 -0.03 0.68 13.02
N LEU A 419 -0.41 -0.59 13.13
CA LEU A 419 -1.73 -1.06 12.65
C LEU A 419 -2.78 -0.93 13.75
N ARG A 420 -3.58 0.11 13.57
CA ARG A 420 -4.86 0.30 14.28
C ARG A 420 -4.63 0.79 15.70
N LEU A 421 -5.51 1.70 16.07
CA LEU A 421 -5.59 2.27 17.42
C LEU A 421 -6.90 1.83 18.09
N SER A 422 -6.80 0.69 18.77
CA SER A 422 -7.96 0.02 19.38
C SER A 422 -7.88 0.11 20.91
N ASP A 423 -8.96 -0.35 21.53
CA ASP A 423 -9.10 -0.39 22.99
C ASP A 423 -8.01 -1.26 23.58
N ASP A 424 -7.72 -2.33 22.85
CA ASP A 424 -6.72 -3.28 23.25
C ASP A 424 -5.36 -2.62 23.34
N LEU A 425 -5.09 -1.73 22.40
CA LEU A 425 -3.81 -1.13 22.40
C LEU A 425 -3.61 -0.26 23.66
N LEU A 426 -4.69 0.37 24.05
CA LEU A 426 -4.62 1.32 25.13
C LEU A 426 -4.69 0.65 26.50
N GLN A 427 -4.96 -0.67 26.50
CA GLN A 427 -4.88 -1.42 27.73
C GLN A 427 -3.52 -1.20 28.40
N LYS A 428 -3.52 -1.14 29.71
CA LYS A 428 -2.34 -0.82 30.43
C LYS A 428 -1.08 -1.57 30.07
N SER A 429 -1.13 -2.88 29.96
CA SER A 429 0.12 -3.55 29.68
C SER A 429 0.54 -3.44 28.26
N ASN A 430 -0.46 -3.52 27.37
CA ASN A 430 -0.20 -3.35 25.94
C ASN A 430 0.39 -1.97 25.69
N PHE A 431 -0.31 -0.93 26.20
CA PHE A 431 0.16 0.42 26.01
C PHE A 431 1.53 0.71 26.59
N ASN A 432 1.87 0.07 27.69
CA ASN A 432 3.18 0.33 28.26
C ASN A 432 4.28 -0.12 27.33
N ILE A 433 4.01 -1.27 26.60
CA ILE A 433 4.96 -1.88 25.69
C ILE A 433 5.15 -0.97 24.52
N PHE A 434 4.02 -0.53 24.03
CA PHE A 434 3.94 0.39 22.90
C PHE A 434 4.79 1.67 23.14
N LYS A 435 4.61 2.21 24.36
CA LYS A 435 5.35 3.38 24.71
C LYS A 435 6.82 3.15 24.51
N LYS A 436 7.24 1.95 24.84
CA LYS A 436 8.66 1.61 24.66
C LYS A 436 9.05 1.48 23.22
N PHE A 437 8.13 0.90 22.45
CA PHE A 437 8.37 0.76 21.07
C PHE A 437 8.55 2.11 20.50
N VAL A 438 7.69 3.06 20.95
CA VAL A 438 7.79 4.41 20.42
C VAL A 438 9.11 5.02 20.79
N LEU A 439 9.54 4.80 22.02
CA LEU A 439 10.81 5.37 22.42
C LEU A 439 12.05 4.89 21.58
N LYS A 440 12.10 3.60 21.36
CA LYS A 440 13.17 2.98 20.62
C LYS A 440 13.10 3.32 19.16
N MET A 441 11.92 3.48 18.56
CA MET A 441 11.84 4.03 17.20
C MET A 441 12.48 5.41 17.15
N HIS A 442 12.30 6.16 18.27
CA HIS A 442 12.75 7.53 18.39
C HIS A 442 14.21 7.55 18.78
N ALA A 443 14.77 6.36 18.80
CA ALA A 443 16.17 6.19 19.14
C ALA A 443 16.52 6.68 20.52
N ASP A 444 15.64 6.46 21.48
CA ASP A 444 15.86 6.88 22.85
C ASP A 444 15.67 8.37 23.08
N GLN A 445 15.18 9.09 22.11
CA GLN A 445 14.97 10.53 22.29
C GLN A 445 13.53 10.80 22.58
N ASP A 446 13.25 11.94 23.15
CA ASP A 446 11.89 12.34 23.35
C ASP A 446 11.30 12.73 22.00
N TYR A 447 9.99 12.70 21.93
CA TYR A 447 9.28 13.08 20.79
C TYR A 447 9.80 14.41 20.35
N CYS A 448 9.96 14.58 19.03
CA CYS A 448 10.54 15.76 18.47
C CYS A 448 9.57 16.40 17.54
N ALA A 449 8.99 17.50 17.95
CA ALA A 449 7.92 18.14 17.19
C ALA A 449 8.27 18.75 15.85
N ASN A 450 9.49 19.26 15.71
CA ASN A 450 9.99 19.82 14.44
C ASN A 450 10.81 18.80 13.66
N PRO A 451 10.23 18.30 12.61
CA PRO A 451 10.84 17.23 11.84
C PRO A 451 12.12 17.65 11.13
N GLN A 452 12.25 18.94 10.94
CA GLN A 452 13.41 19.51 10.37
C GLN A 452 14.63 19.06 11.20
N LYS A 453 14.45 18.98 12.53
CA LYS A 453 15.53 18.54 13.39
C LYS A 453 16.04 17.12 13.06
N TYR A 454 15.15 16.24 12.60
CA TYR A 454 15.66 14.93 12.26
C TYR A 454 15.73 14.70 10.76
N ASN A 455 16.00 15.78 10.07
CA ASN A 455 16.18 15.74 8.67
C ASN A 455 15.01 15.20 7.87
N HIS A 456 13.84 15.62 8.23
CA HIS A 456 12.61 15.28 7.53
C HIS A 456 11.79 16.51 7.17
N ALA A 457 12.38 17.63 6.83
CA ALA A 457 11.53 18.76 6.51
C ALA A 457 10.81 18.52 5.19
N ILE A 458 9.55 18.99 5.02
CA ILE A 458 8.84 18.73 3.75
C ILE A 458 8.79 19.98 2.93
N THR A 459 9.20 19.81 1.72
CA THR A 459 9.25 20.91 0.87
C THR A 459 8.08 20.82 -0.03
N PRO A 460 7.80 21.89 -0.72
CA PRO A 460 6.68 21.92 -1.59
C PRO A 460 6.86 20.91 -2.68
N LEU A 461 5.78 20.13 -2.93
CA LEU A 461 5.80 19.09 -3.96
C LEU A 461 6.22 19.72 -5.28
N LYS A 462 7.19 19.13 -5.96
CA LYS A 462 7.53 19.57 -7.31
C LYS A 462 6.81 18.70 -8.32
N PRO A 463 6.89 19.12 -9.55
CA PRO A 463 6.31 18.40 -10.61
C PRO A 463 7.06 17.10 -10.81
N SER A 464 6.39 16.09 -11.31
CA SER A 464 7.01 14.84 -11.56
C SER A 464 8.07 14.97 -12.59
N ALA A 465 9.13 14.19 -12.43
CA ALA A 465 10.08 14.13 -13.50
C ALA A 465 9.48 13.41 -14.71
N PRO A 466 10.13 13.50 -15.86
CA PRO A 466 9.57 12.91 -17.07
C PRO A 466 9.36 11.42 -17.00
N LYS A 467 8.41 10.98 -17.80
CA LYS A 467 8.07 9.62 -17.97
C LYS A 467 9.30 8.84 -18.27
N ILE A 468 9.50 7.76 -17.49
CA ILE A 468 10.51 6.76 -17.76
C ILE A 468 9.90 5.65 -18.64
N PRO A 469 10.45 5.34 -19.82
CA PRO A 469 9.87 4.27 -20.63
C PRO A 469 9.89 2.88 -19.91
N ILE A 470 8.84 2.08 -20.16
CA ILE A 470 8.74 0.73 -19.67
C ILE A 470 10.04 -0.05 -19.71
N GLU A 471 10.86 0.09 -20.79
CA GLU A 471 12.17 -0.60 -20.90
C GLU A 471 13.11 -0.27 -19.84
N VAL A 472 13.19 1.01 -19.60
CA VAL A 472 14.04 1.48 -18.55
C VAL A 472 13.55 0.99 -17.19
N LEU A 473 12.21 0.96 -17.00
CA LEU A 473 11.66 0.52 -15.76
C LEU A 473 12.08 -0.90 -15.54
N LEU A 474 11.88 -1.66 -16.61
CA LEU A 474 12.15 -3.09 -16.61
C LEU A 474 13.63 -3.45 -16.47
N GLU A 475 14.58 -2.50 -16.69
CA GLU A 475 15.97 -2.78 -16.36
C GLU A 475 16.16 -3.07 -14.90
N ALA A 476 15.27 -2.52 -14.07
CA ALA A 476 15.40 -2.67 -12.62
C ALA A 476 15.00 -4.07 -12.17
N THR A 477 14.64 -4.93 -13.14
CA THR A 477 14.38 -6.34 -12.82
C THR A 477 15.70 -7.14 -12.56
N LYS A 478 16.85 -6.57 -12.93
CA LYS A 478 18.14 -7.17 -12.64
C LYS A 478 18.36 -7.48 -11.15
N PRO A 479 18.54 -8.74 -10.75
CA PRO A 479 18.66 -9.03 -9.32
C PRO A 479 19.91 -8.42 -8.71
N THR A 480 19.78 -7.99 -7.46
CA THR A 480 20.91 -7.38 -6.75
C THR A 480 20.93 -8.02 -5.39
N LEU A 481 22.06 -7.98 -4.76
CA LEU A 481 22.10 -8.47 -3.42
C LEU A 481 21.59 -7.40 -2.48
N PRO A 482 20.84 -7.84 -1.53
CA PRO A 482 20.28 -6.93 -0.56
C PRO A 482 21.37 -6.27 0.27
N PHE A 483 21.03 -5.27 1.10
CA PHE A 483 21.99 -4.72 2.06
C PHE A 483 21.96 -5.66 3.23
N PRO A 484 23.01 -5.63 3.99
CA PRO A 484 23.20 -6.44 5.20
C PRO A 484 22.36 -5.97 6.36
N TRP A 485 21.64 -6.89 6.96
CA TRP A 485 20.81 -6.64 8.12
C TRP A 485 21.55 -7.09 9.36
N LEU A 486 21.26 -6.49 10.49
CA LEU A 486 21.71 -7.04 11.73
C LEU A 486 20.82 -8.21 12.02
N PRO A 487 21.29 -9.09 12.88
CA PRO A 487 20.53 -10.27 13.27
C PRO A 487 19.48 -9.91 14.29
N GLU A 488 19.76 -8.86 15.03
CA GLU A 488 18.86 -8.32 16.02
C GLU A 488 19.02 -6.81 16.08
N THR A 489 17.94 -6.13 16.43
CA THR A 489 18.08 -4.70 16.62
C THR A 489 18.99 -4.39 17.82
N ASP A 490 19.68 -3.28 17.69
CA ASP A 490 20.47 -2.77 18.78
C ASP A 490 19.61 -1.94 19.72
N MET A 491 18.32 -1.87 19.45
CA MET A 491 17.50 -1.04 20.28
C MET A 491 16.26 -1.73 20.60
N LYS A 492 16.36 -2.79 21.41
CA LYS A 492 15.19 -3.57 21.72
C LYS A 492 14.27 -3.01 22.75
N VAL A 493 13.08 -3.45 22.66
CA VAL A 493 12.08 -3.05 23.58
C VAL A 493 12.19 -3.69 24.96
N ASP A 494 12.94 -4.78 25.05
CA ASP A 494 13.22 -5.47 26.32
C ASP A 494 14.58 -5.17 26.94
N GLY A 495 14.61 -4.81 28.13
#